data_6SP0
#
_entry.id   6SP0
#
_cell.length_a   52.680
_cell.length_b   52.680
_cell.length_c   107.470
_cell.angle_alpha   90.000
_cell.angle_beta   90.000
_cell.angle_gamma   90.000
#
_symmetry.space_group_name_H-M   'P 43'
#
loop_
_entity.id
_entity.type
_entity.pdbx_description
1 polymer 'N-acetyltransferase ESCO2'
2 non-polymer 'COENZYME A'
3 non-polymer 'ZINC ION'
4 water water
#
_entity_poly.entity_id   1
_entity_poly.type   'polypeptide(L)'
_entity_poly.pdbx_seq_one_letter_code
;MGKDQLVIDAGQKHFGTTVCKSCGMIYTASNPEDEIQHLQHHHRFLEGIKFVGWKRERVVAEFWDGKIVLVLPRDPSYAI
KKVEDVQELVDLELGFQQTVPVCPDKTKTFLFIDEKRVVGCLIAEPIKQAFRVLSEPSASKECSRAWRCSDVPEPAICGI
SRIWVFRLKRRKRIARRLVDTVRNCFMFGCFLSTNEIAFSDPTPDGKLFATKYCNTPNFLVYNFHN
;
_entity_poly.pdbx_strand_id   A
#
loop_
_chem_comp.id
_chem_comp.type
_chem_comp.name
_chem_comp.formula
COA non-polymer 'COENZYME A' 'C21 H36 N7 O16 P3 S'
ZN non-polymer 'ZINC ION' 'Zn 2'
#
# COMPACT_ATOMS: atom_id res chain seq x y z
N GLY A 16 3.97 -25.31 7.34
CA GLY A 16 2.67 -25.08 7.94
C GLY A 16 1.48 -25.70 7.22
N THR A 17 0.80 -26.62 7.91
CA THR A 17 -0.27 -27.37 7.29
C THR A 17 -1.54 -26.56 7.08
N THR A 18 -1.74 -25.47 7.84
CA THR A 18 -3.00 -24.74 7.81
C THR A 18 -2.75 -23.27 7.47
N VAL A 19 -3.63 -22.71 6.64
CA VAL A 19 -3.61 -21.28 6.30
C VAL A 19 -4.91 -20.68 6.80
N CYS A 20 -4.83 -19.73 7.72
CA CYS A 20 -6.04 -19.04 8.14
C CYS A 20 -6.51 -18.12 7.03
N LYS A 21 -7.75 -18.31 6.56
CA LYS A 21 -8.23 -17.52 5.44
C LYS A 21 -8.40 -16.05 5.80
N SER A 22 -8.51 -15.72 7.08
CA SER A 22 -8.83 -14.35 7.45
C SER A 22 -7.61 -13.52 7.88
N CYS A 23 -6.61 -14.10 8.56
CA CYS A 23 -5.44 -13.29 8.82
C CYS A 23 -4.23 -13.71 8.00
N GLY A 24 -4.35 -14.78 7.22
CA GLY A 24 -3.28 -15.26 6.38
C GLY A 24 -2.20 -16.05 7.08
N MET A 25 -2.33 -16.31 8.38
CA MET A 25 -1.22 -16.97 9.06
C MET A 25 -1.10 -18.42 8.62
N ILE A 26 0.13 -18.86 8.44
CA ILE A 26 0.45 -20.24 8.10
C ILE A 26 1.02 -20.90 9.35
N TYR A 27 0.42 -22.01 9.76
CA TYR A 27 0.80 -22.63 11.03
C TYR A 27 0.33 -24.07 11.02
N THR A 28 0.69 -24.81 12.07
CA THR A 28 0.34 -26.24 12.21
C THR A 28 -0.77 -26.40 13.25
N ALA A 29 -2.00 -26.60 12.78
CA ALA A 29 -3.14 -26.65 13.71
C ALA A 29 -3.00 -27.78 14.72
N SER A 30 -2.27 -28.83 14.38
CA SER A 30 -2.00 -29.95 15.27
C SER A 30 -1.16 -29.57 16.49
N ASN A 31 -0.54 -28.42 16.50
CA ASN A 31 0.39 -28.11 17.57
C ASN A 31 -0.25 -27.17 18.59
N PRO A 32 -0.20 -27.49 19.88
CA PRO A 32 -0.80 -26.56 20.87
C PRO A 32 -0.06 -25.23 20.94
N GLU A 33 1.27 -25.21 20.77
CA GLU A 33 1.94 -23.92 20.62
C GLU A 33 1.27 -23.10 19.53
N ASP A 34 1.07 -23.73 18.36
CA ASP A 34 0.63 -22.99 17.17
C ASP A 34 -0.78 -22.45 17.33
N GLU A 35 -1.71 -23.22 17.91
CA GLU A 35 -3.07 -22.71 17.90
C GLU A 35 -3.20 -21.51 18.83
N ILE A 36 -2.48 -21.49 19.96
CA ILE A 36 -2.60 -20.29 20.80
C ILE A 36 -1.89 -19.11 20.14
N GLN A 37 -0.76 -19.36 19.49
CA GLN A 37 -0.03 -18.27 18.87
C GLN A 37 -0.78 -17.74 17.66
N HIS A 38 -1.47 -18.61 16.94
CA HIS A 38 -2.32 -18.10 15.87
C HIS A 38 -3.46 -17.27 16.46
N LEU A 39 -4.11 -17.76 17.51
CA LEU A 39 -5.16 -16.97 18.14
C LEU A 39 -4.70 -15.53 18.42
N GLN A 40 -3.53 -15.38 19.03
CA GLN A 40 -3.04 -14.05 19.38
C GLN A 40 -2.63 -13.26 18.14
N HIS A 41 -2.02 -13.92 17.15
CA HIS A 41 -1.63 -13.20 15.94
C HIS A 41 -2.86 -12.74 15.18
N HIS A 42 -3.83 -13.64 15.04
CA HIS A 42 -5.12 -13.37 14.42
C HIS A 42 -5.77 -12.13 15.03
N HIS A 43 -5.78 -12.03 16.35
CA HIS A 43 -6.40 -10.88 17.02
C HIS A 43 -5.68 -9.57 16.68
N ARG A 44 -4.35 -9.53 16.80
CA ARG A 44 -3.62 -8.31 16.52
C ARG A 44 -3.79 -7.89 15.07
N PHE A 45 -3.81 -8.87 14.17
CA PHE A 45 -3.90 -8.57 12.74
C PHE A 45 -5.26 -8.00 12.38
N LEU A 46 -6.34 -8.67 12.81
CA LEU A 46 -7.69 -8.23 12.43
C LEU A 46 -8.02 -6.87 13.05
N GLU A 47 -7.50 -6.60 14.24
CA GLU A 47 -7.66 -5.27 14.82
C GLU A 47 -6.97 -4.22 13.98
N GLY A 48 -5.79 -4.56 13.45
CA GLY A 48 -5.04 -3.60 12.69
C GLY A 48 -5.74 -3.19 11.41
N ILE A 49 -6.35 -4.16 10.71
CA ILE A 49 -6.93 -3.86 9.39
C ILE A 49 -8.42 -3.62 9.46
N LYS A 50 -9.03 -3.69 10.64
CA LYS A 50 -10.47 -3.55 10.66
C LYS A 50 -10.87 -2.13 10.29
N PHE A 51 -11.91 -2.02 9.46
CA PHE A 51 -12.41 -0.74 8.95
C PHE A 51 -13.92 -0.65 9.27
N VAL A 52 -14.24 -0.08 10.43
CA VAL A 52 -15.63 0.02 10.91
C VAL A 52 -15.83 1.36 11.60
N GLY A 53 -16.96 2.02 11.30
CA GLY A 53 -17.40 3.13 12.13
C GLY A 53 -16.70 4.47 11.97
N TRP A 54 -16.20 4.78 10.78
CA TRP A 54 -15.74 6.13 10.48
C TRP A 54 -16.94 7.05 10.28
N LYS A 55 -16.92 8.21 10.93
CA LYS A 55 -18.06 9.11 10.77
C LYS A 55 -18.12 9.68 9.35
N ARG A 56 -16.96 9.91 8.74
CA ARG A 56 -16.88 10.37 7.34
C ARG A 56 -15.86 9.54 6.60
N GLU A 57 -16.23 9.03 5.43
CA GLU A 57 -15.36 8.27 4.53
C GLU A 57 -15.31 9.00 3.21
N ARG A 58 -14.11 9.30 2.74
CA ARG A 58 -13.98 9.97 1.46
C ARG A 58 -13.77 8.87 0.42
N VAL A 59 -14.87 8.36 -0.13
CA VAL A 59 -14.80 7.26 -1.09
C VAL A 59 -14.43 7.86 -2.45
N VAL A 60 -13.31 7.42 -3.03
CA VAL A 60 -12.87 7.97 -4.31
C VAL A 60 -12.98 6.99 -5.48
N ALA A 61 -13.32 5.74 -5.23
CA ALA A 61 -13.52 4.78 -6.31
C ALA A 61 -14.31 3.62 -5.77
N GLU A 62 -15.24 3.10 -6.57
CA GLU A 62 -16.06 1.98 -6.15
C GLU A 62 -15.97 0.89 -7.18
N PHE A 63 -15.88 -0.34 -6.72
CA PHE A 63 -15.69 -1.52 -7.55
C PHE A 63 -16.69 -2.58 -7.14
N TRP A 64 -16.73 -3.65 -7.93
CA TRP A 64 -17.61 -4.76 -7.61
C TRP A 64 -17.12 -5.53 -6.41
N ASP A 65 -15.83 -5.43 -6.07
CA ASP A 65 -15.25 -6.21 -4.98
C ASP A 65 -14.65 -5.33 -3.87
N GLY A 66 -15.03 -4.07 -3.80
CA GLY A 66 -14.54 -3.21 -2.74
C GLY A 66 -14.57 -1.75 -3.17
N LYS A 67 -13.90 -0.92 -2.38
CA LYS A 67 -13.86 0.51 -2.67
C LYS A 67 -12.53 1.05 -2.18
N ILE A 68 -12.18 2.23 -2.63
CA ILE A 68 -10.98 2.91 -2.17
C ILE A 68 -11.38 4.18 -1.43
N VAL A 69 -10.85 4.34 -0.24
CA VAL A 69 -11.09 5.52 0.58
C VAL A 69 -9.81 6.32 0.63
N LEU A 70 -9.93 7.62 0.52
CA LEU A 70 -8.79 8.51 0.55
C LEU A 70 -8.69 9.20 1.89
N VAL A 71 -7.51 9.15 2.52
CA VAL A 71 -7.20 9.88 3.74
C VAL A 71 -6.26 11.02 3.39
N LEU A 72 -6.70 12.29 3.63
CA LEU A 72 -5.99 13.50 3.24
C LEU A 72 -5.28 14.13 4.43
N PRO A 73 -4.27 14.97 4.19
CA PRO A 73 -3.68 15.74 5.29
C PRO A 73 -4.73 16.56 6.02
N ARG A 74 -4.62 16.55 7.36
CA ARG A 74 -5.53 17.21 8.30
C ARG A 74 -6.89 16.54 8.41
N ASP A 75 -7.00 15.26 8.02
CA ASP A 75 -8.18 14.47 8.29
C ASP A 75 -8.21 14.09 9.78
N PRO A 76 -9.30 13.50 10.25
CA PRO A 76 -9.46 13.27 11.68
C PRO A 76 -8.47 12.27 12.24
N SER A 77 -8.33 12.34 13.57
CA SER A 77 -7.37 11.49 14.28
C SER A 77 -7.64 10.01 14.01
N TYR A 78 -8.91 9.59 13.98
CA TYR A 78 -9.18 8.17 13.82
C TYR A 78 -8.73 7.66 12.45
N ALA A 79 -8.75 8.52 11.43
CA ALA A 79 -8.29 8.10 10.10
C ALA A 79 -6.78 7.97 10.07
N ILE A 80 -6.08 8.98 10.58
CA ILE A 80 -4.63 8.94 10.62
C ILE A 80 -4.16 7.71 11.40
N LYS A 81 -4.84 7.42 12.51
CA LYS A 81 -4.45 6.30 13.34
C LYS A 81 -4.62 4.99 12.58
N LYS A 82 -5.72 4.86 11.82
CA LYS A 82 -5.94 3.63 11.07
C LYS A 82 -4.82 3.39 10.06
N VAL A 83 -4.40 4.45 9.36
CA VAL A 83 -3.27 4.32 8.46
C VAL A 83 -2.03 3.85 9.22
N GLU A 84 -1.79 4.40 10.41
CA GLU A 84 -0.57 4.03 11.12
C GLU A 84 -0.62 2.57 11.59
N ASP A 85 -1.81 2.08 12.00
CA ASP A 85 -1.98 0.70 12.41
C ASP A 85 -1.71 -0.25 11.25
N VAL A 86 -2.26 0.04 10.07
CA VAL A 86 -1.93 -0.77 8.90
C VAL A 86 -0.43 -0.73 8.61
N GLN A 87 0.20 0.44 8.72
CA GLN A 87 1.60 0.51 8.37
C GLN A 87 2.46 -0.29 9.35
N GLU A 88 2.03 -0.44 10.61
CA GLU A 88 2.80 -1.30 11.52
C GLU A 88 2.79 -2.75 11.06
N LEU A 89 1.64 -3.23 10.53
CA LEU A 89 1.58 -4.59 10.03
C LEU A 89 2.43 -4.76 8.78
N VAL A 90 2.46 -3.75 7.90
CA VAL A 90 3.29 -3.85 6.72
C VAL A 90 4.77 -3.87 7.10
N ASP A 91 5.16 -3.02 8.07
CA ASP A 91 6.55 -3.03 8.55
C ASP A 91 6.95 -4.41 9.02
N LEU A 92 6.07 -5.08 9.80
CA LEU A 92 6.40 -6.42 10.29
C LEU A 92 6.56 -7.40 9.15
N GLU A 93 5.66 -7.31 8.15
CA GLU A 93 5.75 -8.25 7.04
C GLU A 93 7.03 -8.03 6.24
N LEU A 94 7.38 -6.78 5.97
CA LEU A 94 8.59 -6.50 5.20
C LEU A 94 9.83 -6.87 6.00
N GLY A 95 9.79 -6.65 7.29
CA GLY A 95 10.96 -6.99 8.09
C GLY A 95 12.02 -5.90 8.15
N PHE A 96 11.68 -4.69 7.74
CA PHE A 96 12.59 -3.56 7.79
C PHE A 96 11.77 -2.29 7.73
N GLN A 97 12.43 -1.19 8.06
CA GLN A 97 11.80 0.13 8.01
C GLN A 97 12.00 0.69 6.60
N GLN A 98 10.94 0.67 5.78
CA GLN A 98 11.07 1.29 4.46
C GLN A 98 11.16 2.80 4.63
N THR A 99 11.86 3.46 3.70
CA THR A 99 12.12 4.89 3.81
C THR A 99 10.82 5.64 4.01
N VAL A 100 10.75 6.40 5.10
CA VAL A 100 9.49 7.08 5.45
C VAL A 100 9.30 8.28 4.54
N PRO A 101 8.08 8.80 4.40
CA PRO A 101 7.88 10.06 3.64
C PRO A 101 8.63 11.23 4.24
N VAL A 102 9.15 12.10 3.36
CA VAL A 102 9.94 13.25 3.80
C VAL A 102 9.10 14.18 4.67
N CYS A 103 7.89 14.50 4.22
CA CYS A 103 6.99 15.38 4.97
C CYS A 103 5.67 14.68 5.25
N PRO A 104 5.50 14.12 6.46
CA PRO A 104 4.30 13.32 6.75
C PRO A 104 2.99 14.09 6.66
N ASP A 105 3.03 15.42 6.59
CA ASP A 105 1.82 16.21 6.52
C ASP A 105 1.47 16.61 5.09
N LYS A 106 2.14 16.04 4.09
CA LYS A 106 1.73 16.25 2.70
C LYS A 106 1.34 14.95 2.00
N THR A 107 1.30 13.83 2.71
CA THR A 107 1.00 12.58 2.04
C THR A 107 -0.51 12.37 1.91
N LYS A 108 -0.87 11.61 0.88
CA LYS A 108 -2.24 11.16 0.67
C LYS A 108 -2.27 9.65 0.73
N THR A 109 -3.20 9.09 1.49
CA THR A 109 -3.25 7.65 1.70
C THR A 109 -4.51 7.08 1.13
N PHE A 110 -4.35 6.02 0.34
CA PHE A 110 -5.43 5.34 -0.35
C PHE A 110 -5.59 3.96 0.25
N LEU A 111 -6.81 3.65 0.73
CA LEU A 111 -7.07 2.37 1.37
C LEU A 111 -8.08 1.59 0.56
N PHE A 112 -7.74 0.36 0.22
CA PHE A 112 -8.68 -0.53 -0.46
C PHE A 112 -9.42 -1.31 0.60
N ILE A 113 -10.75 -1.12 0.65
CA ILE A 113 -11.59 -1.72 1.66
C ILE A 113 -12.44 -2.82 1.03
N ASP A 114 -12.43 -3.98 1.65
CA ASP A 114 -13.27 -5.10 1.23
C ASP A 114 -13.82 -5.78 2.47
N GLU A 115 -15.13 -5.84 2.62
CA GLU A 115 -15.78 -6.53 3.75
C GLU A 115 -15.25 -6.01 5.08
N LYS A 116 -15.24 -4.68 5.21
CA LYS A 116 -14.90 -3.98 6.45
C LYS A 116 -13.46 -4.26 6.89
N ARG A 117 -12.59 -4.53 5.92
CA ARG A 117 -11.17 -4.77 6.19
C ARG A 117 -10.31 -3.94 5.24
N VAL A 118 -9.21 -3.40 5.74
CA VAL A 118 -8.21 -2.80 4.85
C VAL A 118 -7.40 -3.94 4.24
N VAL A 119 -7.55 -4.16 2.93
CA VAL A 119 -6.74 -5.18 2.25
C VAL A 119 -5.75 -4.59 1.26
N GLY A 120 -5.68 -3.28 1.12
CA GLY A 120 -4.66 -2.62 0.32
C GLY A 120 -4.39 -1.23 0.82
N CYS A 121 -3.13 -0.79 0.70
CA CYS A 121 -2.80 0.54 1.17
C CYS A 121 -1.74 1.13 0.25
N LEU A 122 -1.95 2.36 -0.20
CA LEU A 122 -0.96 3.09 -0.99
C LEU A 122 -0.76 4.47 -0.35
N ILE A 123 0.48 4.80 0.00
CA ILE A 123 0.79 6.13 0.50
C ILE A 123 1.59 6.88 -0.54
N ALA A 124 1.12 8.06 -0.92
CA ALA A 124 1.65 8.86 -2.02
C ALA A 124 2.14 10.19 -1.47
N GLU A 125 3.27 10.66 -1.98
CA GLU A 125 3.88 11.90 -1.50
C GLU A 125 4.34 12.73 -2.69
N PRO A 126 4.38 14.05 -2.53
CA PRO A 126 4.88 14.88 -3.63
C PRO A 126 6.39 14.74 -3.74
N ILE A 127 6.87 14.67 -4.97
CA ILE A 127 8.30 14.62 -5.25
C ILE A 127 8.54 15.57 -6.42
N LYS A 128 9.81 15.87 -6.66
CA LYS A 128 10.16 16.71 -7.80
C LYS A 128 10.98 16.01 -8.86
N GLN A 129 11.69 14.93 -8.50
CA GLN A 129 12.49 14.22 -9.47
C GLN A 129 12.54 12.75 -9.09
N ALA A 130 12.87 11.93 -10.09
CA ALA A 130 13.06 10.49 -9.91
C ALA A 130 14.07 10.01 -10.94
N PHE A 131 14.30 8.71 -10.95
CA PHE A 131 15.42 8.13 -11.69
C PHE A 131 14.99 6.84 -12.36
N ARG A 132 15.44 6.64 -13.62
CA ARG A 132 15.09 5.44 -14.35
C ARG A 132 15.89 4.25 -13.84
N VAL A 133 15.21 3.12 -13.64
CA VAL A 133 15.93 1.93 -13.18
C VAL A 133 16.43 1.14 -14.39
N LEU A 134 17.55 0.44 -14.23
CA LEU A 134 18.11 -0.38 -15.32
C LEU A 134 17.82 -1.86 -15.09
N TRP A 147 20.26 -4.79 -9.76
CA TRP A 147 19.56 -3.57 -10.17
C TRP A 147 20.28 -2.30 -9.70
N ARG A 148 20.42 -1.34 -10.61
CA ARG A 148 20.86 0.01 -10.28
C ARG A 148 19.95 0.99 -11.00
N CYS A 149 20.10 2.29 -10.70
CA CYS A 149 19.34 3.29 -11.45
C CYS A 149 20.27 4.34 -12.03
N SER A 150 19.75 5.02 -13.04
CA SER A 150 20.43 6.15 -13.68
C SER A 150 20.68 7.27 -12.70
N ASP A 151 21.73 8.05 -12.94
CA ASP A 151 21.95 9.25 -12.17
C ASP A 151 21.29 10.49 -12.78
N VAL A 152 20.56 10.33 -13.88
CA VAL A 152 19.93 11.45 -14.57
C VAL A 152 18.54 11.67 -13.94
N PRO A 153 18.27 12.82 -13.34
CA PRO A 153 16.94 13.07 -12.76
C PRO A 153 15.92 13.35 -13.84
N GLU A 154 14.75 12.80 -13.64
CA GLU A 154 13.62 13.03 -14.48
C GLU A 154 12.55 13.72 -13.65
N PRO A 155 11.87 14.73 -14.18
CA PRO A 155 10.85 15.41 -13.38
C PRO A 155 9.71 14.42 -13.14
N ALA A 156 9.28 14.33 -11.90
CA ALA A 156 8.17 13.48 -11.57
C ALA A 156 7.37 14.21 -10.51
N ILE A 157 6.11 13.83 -10.37
CA ILE A 157 5.15 14.56 -9.56
C ILE A 157 4.79 13.77 -8.29
N CYS A 158 4.61 12.47 -8.43
CA CYS A 158 3.97 11.66 -7.41
C CYS A 158 4.86 10.48 -7.02
N GLY A 159 5.29 10.45 -5.76
CA GLY A 159 6.04 9.35 -5.26
C GLY A 159 5.18 8.32 -4.55
N ILE A 160 5.25 7.08 -5.02
CA ILE A 160 4.56 5.97 -4.38
C ILE A 160 5.47 5.50 -3.27
N SER A 161 5.19 5.99 -2.06
CA SER A 161 6.07 5.80 -0.93
C SER A 161 5.88 4.44 -0.29
N ARG A 162 4.67 3.90 -0.33
CA ARG A 162 4.36 2.59 0.21
C ARG A 162 3.24 2.00 -0.62
N ILE A 163 3.34 0.70 -0.94
CA ILE A 163 2.18 0.01 -1.55
C ILE A 163 2.16 -1.41 -1.04
N TRP A 164 0.99 -1.85 -0.56
CA TRP A 164 0.88 -3.18 0.02
C TRP A 164 -0.52 -3.72 -0.23
N VAL A 165 -0.61 -5.02 -0.47
CA VAL A 165 -1.87 -5.72 -0.59
C VAL A 165 -1.81 -6.95 0.33
N PHE A 166 -2.86 -7.16 1.11
CA PHE A 166 -2.95 -8.35 1.93
C PHE A 166 -2.66 -9.62 1.13
N ARG A 167 -1.84 -10.52 1.69
CA ARG A 167 -1.27 -11.60 0.90
C ARG A 167 -2.34 -12.41 0.18
N LEU A 168 -3.42 -12.77 0.88
CA LEU A 168 -4.46 -13.64 0.30
C LEU A 168 -5.33 -12.92 -0.70
N LYS A 169 -5.15 -11.61 -0.87
CA LYS A 169 -5.88 -10.87 -1.88
C LYS A 169 -4.99 -10.39 -3.02
N ARG A 170 -3.80 -10.94 -3.16
CA ARG A 170 -2.90 -10.49 -4.22
C ARG A 170 -3.26 -11.08 -5.57
N ARG A 171 -2.78 -10.42 -6.63
CA ARG A 171 -3.02 -10.82 -8.02
C ARG A 171 -4.52 -10.77 -8.34
N LYS A 172 -5.18 -9.78 -7.77
CA LYS A 172 -6.57 -9.46 -7.99
C LYS A 172 -6.75 -8.00 -8.37
N ARG A 173 -5.69 -7.36 -8.88
CA ARG A 173 -5.71 -6.01 -9.40
C ARG A 173 -5.90 -4.96 -8.34
N ILE A 174 -5.76 -5.31 -7.06
CA ILE A 174 -5.92 -4.27 -6.03
C ILE A 174 -4.82 -3.21 -6.15
N ALA A 175 -3.56 -3.62 -6.25
CA ALA A 175 -2.50 -2.63 -6.40
C ALA A 175 -2.66 -1.83 -7.70
N ARG A 176 -3.04 -2.50 -8.79
CA ARG A 176 -3.24 -1.74 -10.03
C ARG A 176 -4.30 -0.66 -9.86
N ARG A 177 -5.38 -0.99 -9.16
CA ARG A 177 -6.45 -0.02 -8.99
C ARG A 177 -6.07 1.08 -8.01
N LEU A 178 -5.24 0.76 -7.00
CA LEU A 178 -4.75 1.83 -6.14
C LEU A 178 -3.91 2.83 -6.93
N VAL A 179 -2.99 2.33 -7.77
CA VAL A 179 -2.19 3.26 -8.56
C VAL A 179 -3.06 3.99 -9.58
N ASP A 180 -4.03 3.30 -10.18
CA ASP A 180 -4.98 4.02 -11.04
C ASP A 180 -5.62 5.19 -10.30
N THR A 181 -6.00 4.97 -9.04
CA THR A 181 -6.70 6.00 -8.28
C THR A 181 -5.76 7.13 -7.87
N VAL A 182 -4.52 6.82 -7.51
CA VAL A 182 -3.53 7.86 -7.31
C VAL A 182 -3.40 8.72 -8.55
N ARG A 183 -3.40 8.09 -9.73
CA ARG A 183 -3.19 8.89 -10.94
C ARG A 183 -4.34 9.84 -11.19
N ASN A 184 -5.53 9.56 -10.67
CA ASN A 184 -6.59 10.54 -10.90
C ASN A 184 -6.87 11.43 -9.69
N CYS A 185 -6.34 11.10 -8.50
CA CYS A 185 -6.63 11.86 -7.27
C CYS A 185 -5.46 12.63 -6.71
N PHE A 186 -4.23 12.24 -7.01
CA PHE A 186 -3.13 12.90 -6.36
C PHE A 186 -3.07 14.36 -6.75
N MET A 187 -3.37 14.64 -8.01
CA MET A 187 -3.46 16.00 -8.56
C MET A 187 -4.84 16.05 -9.23
N PHE A 188 -5.86 16.16 -8.40
CA PHE A 188 -7.22 15.99 -8.86
C PHE A 188 -7.56 17.02 -9.93
N GLY A 189 -8.14 16.55 -11.03
CA GLY A 189 -8.31 17.37 -12.21
C GLY A 189 -7.36 17.02 -13.33
N CYS A 190 -6.33 16.23 -13.09
CA CYS A 190 -5.56 15.77 -14.22
C CYS A 190 -5.25 14.30 -14.00
N PHE A 191 -4.95 13.60 -15.10
CA PHE A 191 -4.65 12.19 -15.01
C PHE A 191 -3.16 12.05 -15.23
N LEU A 192 -2.45 11.59 -14.21
CA LEU A 192 -1.01 11.51 -14.32
C LEU A 192 -0.59 10.34 -15.21
N SER A 193 0.48 10.56 -15.98
CA SER A 193 1.04 9.50 -16.79
C SER A 193 1.97 8.62 -15.97
N THR A 194 2.29 7.45 -16.50
CA THR A 194 3.26 6.58 -15.80
C THR A 194 4.67 7.16 -15.79
N ASN A 195 4.91 8.24 -16.54
CA ASN A 195 6.16 8.98 -16.47
C ASN A 195 6.13 10.05 -15.41
N GLU A 196 5.03 10.20 -14.66
CA GLU A 196 4.97 11.20 -13.62
C GLU A 196 4.93 10.59 -12.24
N ILE A 197 4.90 9.25 -12.14
CA ILE A 197 4.87 8.56 -10.85
C ILE A 197 6.19 7.80 -10.72
N ALA A 198 6.66 7.65 -9.50
CA ALA A 198 7.90 6.93 -9.21
C ALA A 198 7.68 6.08 -7.98
N PHE A 199 8.43 4.98 -7.87
CA PHE A 199 8.28 4.02 -6.79
C PHE A 199 9.44 4.13 -5.83
N SER A 200 9.13 4.30 -4.55
CA SER A 200 10.19 4.46 -3.55
C SER A 200 10.80 3.10 -3.25
N ASP A 201 12.13 3.00 -3.39
CA ASP A 201 12.91 1.89 -2.85
C ASP A 201 12.21 0.53 -3.04
N PRO A 202 11.97 0.09 -4.28
CA PRO A 202 11.08 -1.06 -4.48
C PRO A 202 11.69 -2.37 -4.00
N THR A 203 10.82 -3.20 -3.42
CA THR A 203 11.07 -4.60 -3.12
C THR A 203 11.05 -5.43 -4.40
N PRO A 204 11.43 -6.71 -4.34
CA PRO A 204 11.30 -7.57 -5.54
C PRO A 204 9.87 -7.69 -6.04
N ASP A 205 8.88 -7.85 -5.14
CA ASP A 205 7.47 -7.79 -5.51
C ASP A 205 7.14 -6.49 -6.20
N GLY A 206 7.58 -5.36 -5.61
CA GLY A 206 7.25 -4.06 -6.20
C GLY A 206 7.84 -3.89 -7.57
N LYS A 207 9.05 -4.43 -7.80
CA LYS A 207 9.68 -4.31 -9.11
C LYS A 207 8.90 -5.10 -10.16
N LEU A 208 8.43 -6.30 -9.81
CA LEU A 208 7.63 -7.08 -10.75
C LEU A 208 6.31 -6.38 -11.04
N PHE A 209 5.70 -5.80 -10.00
CA PHE A 209 4.46 -5.05 -10.19
C PHE A 209 4.69 -3.83 -11.07
N ALA A 210 5.71 -3.02 -10.74
CA ALA A 210 5.89 -1.75 -11.44
C ALA A 210 6.26 -1.98 -12.89
N THR A 211 7.04 -3.02 -13.17
CA THR A 211 7.42 -3.33 -14.56
C THR A 211 6.18 -3.56 -15.39
N LYS A 212 5.24 -4.34 -14.86
CA LYS A 212 4.02 -4.59 -15.59
C LYS A 212 3.13 -3.34 -15.62
N TYR A 213 2.99 -2.66 -14.48
CA TYR A 213 2.06 -1.53 -14.44
C TYR A 213 2.48 -0.43 -15.39
N CYS A 214 3.77 -0.16 -15.47
CA CYS A 214 4.33 0.91 -16.26
C CYS A 214 4.66 0.46 -17.68
N ASN A 215 4.47 -0.83 -17.97
CA ASN A 215 4.75 -1.40 -19.30
C ASN A 215 6.18 -1.11 -19.76
N THR A 216 7.12 -1.21 -18.82
CA THR A 216 8.55 -1.04 -19.10
C THR A 216 9.39 -1.53 -17.93
N PRO A 217 10.54 -2.18 -18.16
CA PRO A 217 11.41 -2.53 -17.04
C PRO A 217 12.16 -1.35 -16.50
N ASN A 218 12.18 -0.25 -17.25
CA ASN A 218 12.87 0.97 -16.87
C ASN A 218 11.89 2.02 -16.33
N PHE A 219 11.17 1.67 -15.28
CA PHE A 219 10.25 2.62 -14.64
C PHE A 219 11.06 3.57 -13.74
N LEU A 220 10.37 4.53 -13.11
CA LEU A 220 11.02 5.51 -12.26
C LEU A 220 11.03 5.10 -10.80
N VAL A 221 12.12 5.44 -10.11
CA VAL A 221 12.31 5.12 -8.70
C VAL A 221 12.91 6.33 -8.00
N TYR A 222 12.78 6.33 -6.69
CA TYR A 222 13.43 7.31 -5.84
C TYR A 222 13.68 6.62 -4.51
N ASN A 223 14.48 7.26 -3.65
CA ASN A 223 15.07 6.57 -2.48
C ASN A 223 15.75 5.27 -2.85
N PHE A 224 16.48 5.26 -3.97
CA PHE A 224 17.08 4.02 -4.44
C PHE A 224 18.48 3.81 -3.86
N1A COA B . 5.13 -11.62 -9.02
C2A COA B . 5.05 -11.31 -10.45
N3A COA B . 4.27 -10.38 -10.94
C4A COA B . 3.58 -9.73 -10.24
C5A COA B . 3.51 -9.87 -8.78
C6A COA B . 4.29 -10.80 -8.14
N6A COA B . 4.29 -11.02 -6.68
N7A COA B . 2.54 -8.86 -8.42
C8A COA B . 2.13 -8.25 -9.37
N9A COA B . 2.67 -8.68 -10.41
C1B COA B . 2.41 -8.18 -11.70
C2B COA B . 1.56 -9.09 -12.49
O2B COA B . 1.95 -8.85 -13.88
C3B COA B . 0.21 -8.58 -12.28
O3B COA B . -0.65 -8.90 -13.38
P3B COA B . -1.38 -10.38 -13.44
O7A COA B . -2.52 -10.24 -14.41
O8A COA B . -1.89 -10.82 -12.10
O9A COA B . -0.34 -11.40 -13.87
C4B COA B . 0.35 -7.10 -12.31
O4B COA B . 1.63 -6.87 -11.61
C5B COA B . -0.75 -6.39 -11.54
O5B COA B . -0.67 -6.94 -10.22
P1A COA B . -1.81 -6.55 -9.07
O1A COA B . -2.76 -7.69 -8.93
O2A COA B . -2.36 -5.21 -9.35
O3A COA B . -0.80 -6.52 -7.74
P2A COA B . -1.21 -6.98 -6.24
O4A COA B . -1.06 -8.42 -6.07
O5A COA B . -2.56 -6.46 -5.93
O6A COA B . -0.08 -6.15 -5.40
CBP COA B . 2.10 -5.82 -4.59
CCP COA B . 1.28 -6.08 -5.90
CDP COA B . 1.56 -4.57 -3.86
CEP COA B . 3.57 -5.56 -4.99
CAP COA B . 2.02 -7.06 -3.68
OAP COA B . 2.78 -8.10 -4.20
C9P COA B . 2.49 -6.79 -2.21
O9P COA B . 1.88 -6.19 -1.37
N8P COA B . 3.78 -7.39 -1.83
C7P COA B . 4.25 -7.24 -0.42
C6P COA B . 4.56 -5.81 0.02
C5P COA B . 5.54 -5.23 -0.98
O5P COA B . 6.62 -5.74 -1.25
N4P COA B . 5.11 -4.00 -1.60
C3P COA B . 5.93 -3.32 -2.64
C2P COA B . 6.85 -2.33 -1.98
S1P COA B . 7.56 -1.58 -3.50
ZN ZN C . -6.19 -16.24 11.61
#